data_3QQ8
#
_entry.id   3QQ8
#
_cell.length_a   88.080
_cell.length_b   88.080
_cell.length_c   66.910
_cell.angle_alpha   90.00
_cell.angle_beta   90.00
_cell.angle_gamma   120.00
#
_symmetry.space_group_name_H-M   'P 65'
#
loop_
_entity.id
_entity.type
_entity.pdbx_description
1 polymer 'Transitional endoplasmic reticulum ATPase'
2 polymer 'FAS-associated factor 1'
3 non-polymer 'CHLORIDE ION'
4 water water
#
loop_
_entity_poly.entity_id
_entity_poly.type
_entity_poly.pdbx_seq_one_letter_code
_entity_poly.pdbx_strand_id
1 'polypeptide(L)'
;ASGADSKGDDLSTAILKQKNRPNRLIVDEAINEDNSVVSLSQPKMDELQLFRGDTVLLKGKKRREAVCIVLSDDTCSDEK
IRMNRVVRNNLRVRLGDVISIQPCPDVKYGKRIHVLPIDDTVEGITGNLFEVYLKPYFLEAYRPIRKGDIFLVRGGMRAV
EFKVVETDPSPYCIVAPDTVIHCEGE
;
A
2 'polypeptide(L)'
;MSENAEPVSKLRIRTPSGEFLERRFLASNKLQIVFDFVASKGFPWDEYKLLSTFPRRDVTQLDPNKSLLEVKLFPQETLF
LEAKE
;
B
#
loop_
_chem_comp.id
_chem_comp.type
_chem_comp.name
_chem_comp.formula
CL non-polymer 'CHLORIDE ION' 'Cl -1'
#
# COMPACT_ATOMS: atom_id res chain seq x y z
N ASP A 9 -13.25 -16.72 10.27
CA ASP A 9 -11.85 -17.13 10.08
C ASP A 9 -11.58 -17.47 8.62
N ASP A 10 -11.84 -18.72 8.25
CA ASP A 10 -11.71 -19.17 6.87
C ASP A 10 -12.79 -18.56 5.97
N LEU A 11 -12.46 -18.43 4.69
CA LEU A 11 -13.47 -18.14 3.68
C LEU A 11 -14.43 -19.32 3.64
N SER A 12 -13.89 -20.49 3.99
CA SER A 12 -14.59 -21.75 3.87
C SER A 12 -15.42 -22.12 5.12
N THR A 13 -15.50 -21.22 6.10
CA THR A 13 -16.25 -21.51 7.31
C THR A 13 -17.36 -20.48 7.57
N ALA A 14 -18.42 -20.94 8.23
CA ALA A 14 -19.55 -20.10 8.58
C ALA A 14 -20.39 -20.79 9.66
N ILE A 15 -20.95 -20.03 10.58
CA ILE A 15 -21.99 -20.61 11.42
C ILE A 15 -23.32 -20.39 10.73
N LEU A 16 -24.28 -21.24 11.06
CA LEU A 16 -25.62 -21.20 10.49
C LEU A 16 -26.33 -19.89 10.80
N LYS A 17 -26.15 -19.40 12.03
CA LYS A 17 -26.84 -18.20 12.49
C LYS A 17 -25.86 -17.02 12.65
N GLN A 18 -25.76 -16.18 11.64
CA GLN A 18 -24.67 -15.21 11.59
C GLN A 18 -25.05 -13.89 10.93
N LYS A 19 -24.63 -12.78 11.54
CA LYS A 19 -24.80 -11.49 10.88
C LYS A 19 -23.92 -11.45 9.62
N ASN A 20 -24.49 -10.96 8.51
CA ASN A 20 -23.82 -10.98 7.21
C ASN A 20 -22.39 -10.43 7.24
N ARG A 21 -21.65 -10.71 6.19
CA ARG A 21 -20.25 -10.33 6.11
C ARG A 21 -19.98 -9.41 4.92
N PRO A 22 -19.99 -8.10 5.19
CA PRO A 22 -19.78 -7.02 4.23
C PRO A 22 -18.38 -7.07 3.64
N ASN A 23 -17.48 -7.81 4.29
CA ASN A 23 -16.08 -7.83 3.85
C ASN A 23 -15.75 -8.97 2.88
N ARG A 24 -16.77 -9.65 2.38
CA ARG A 24 -16.56 -10.67 1.34
C ARG A 24 -16.86 -10.07 -0.04
N LEU A 25 -15.83 -9.99 -0.87
CA LEU A 25 -15.89 -9.23 -2.12
C LEU A 25 -15.52 -10.09 -3.34
N ILE A 26 -16.06 -9.73 -4.49
CA ILE A 26 -15.84 -10.50 -5.71
CA ILE A 26 -15.85 -10.49 -5.72
C ILE A 26 -14.65 -9.94 -6.48
N VAL A 27 -13.72 -10.82 -6.82
CA VAL A 27 -12.51 -10.42 -7.52
C VAL A 27 -12.80 -9.88 -8.91
N ASP A 28 -12.25 -8.70 -9.22
CA ASP A 28 -12.42 -8.06 -10.52
C ASP A 28 -11.07 -7.55 -11.06
N GLU A 29 -11.04 -7.17 -12.32
CA GLU A 29 -9.81 -6.74 -12.98
C GLU A 29 -9.30 -5.46 -12.39
N ALA A 30 -7.97 -5.34 -12.36
CA ALA A 30 -7.30 -4.11 -11.96
C ALA A 30 -7.32 -3.10 -13.10
N ILE A 31 -7.41 -1.83 -12.74
CA ILE A 31 -7.11 -0.74 -13.69
C ILE A 31 -5.71 -0.20 -13.33
N ASN A 32 -5.43 -0.14 -12.03
CA ASN A 32 -4.09 0.11 -11.51
C ASN A 32 -3.26 -1.20 -11.50
N GLU A 33 -2.25 -1.27 -12.37
CA GLU A 33 -1.47 -2.50 -12.52
C GLU A 33 -0.38 -2.74 -11.45
N ASP A 34 -0.52 -2.10 -10.29
CA ASP A 34 0.50 -2.14 -9.25
C ASP A 34 0.30 -3.34 -8.31
N ASN A 35 1.37 -4.06 -8.00
CA ASN A 35 1.25 -5.27 -7.15
C ASN A 35 0.69 -5.02 -5.77
N SER A 36 0.89 -3.81 -5.25
CA SER A 36 0.56 -3.56 -3.84
C SER A 36 -0.87 -3.08 -3.66
N VAL A 37 -1.56 -2.75 -4.75
CA VAL A 37 -2.82 -2.03 -4.65
C VAL A 37 -4.06 -2.87 -4.88
N VAL A 38 -5.05 -2.73 -4.01
CA VAL A 38 -6.41 -3.18 -4.35
C VAL A 38 -7.37 -1.98 -4.31
N SER A 39 -8.46 -2.06 -5.07
CA SER A 39 -9.37 -0.93 -5.16
C SER A 39 -10.77 -1.36 -4.79
N LEU A 40 -11.44 -0.53 -3.98
CA LEU A 40 -12.83 -0.76 -3.60
C LEU A 40 -13.61 0.50 -3.93
N SER A 41 -14.94 0.41 -3.94
CA SER A 41 -15.75 1.62 -4.07
C SER A 41 -15.64 2.40 -2.77
N GLN A 42 -15.88 3.71 -2.84
CA GLN A 42 -15.83 4.52 -1.62
C GLN A 42 -16.91 4.10 -0.60
N PRO A 43 -18.14 3.85 -1.06
CA PRO A 43 -19.16 3.35 -0.12
C PRO A 43 -18.76 2.04 0.58
N LYS A 44 -18.11 1.13 -0.13
CA LYS A 44 -17.66 -0.11 0.50
C LYS A 44 -16.54 0.20 1.53
N MET A 45 -15.65 1.11 1.18
CA MET A 45 -14.62 1.53 2.14
C MET A 45 -15.22 2.22 3.38
N ASP A 46 -16.22 3.07 3.17
CA ASP A 46 -16.97 3.68 4.28
C ASP A 46 -17.62 2.63 5.17
N GLU A 47 -18.29 1.67 4.54
CA GLU A 47 -18.92 0.59 5.28
C GLU A 47 -17.92 -0.23 6.11
N LEU A 48 -16.73 -0.46 5.55
CA LEU A 48 -15.69 -1.25 6.22
C LEU A 48 -14.77 -0.38 7.10
N GLN A 49 -15.06 0.91 7.16
CA GLN A 49 -14.24 1.88 7.90
C GLN A 49 -12.78 1.81 7.46
N LEU A 50 -12.57 1.76 6.15
CA LEU A 50 -11.23 1.74 5.57
C LEU A 50 -10.85 3.14 5.09
N PHE A 51 -9.59 3.51 5.27
CA PHE A 51 -9.08 4.83 4.94
C PHE A 51 -8.14 4.67 3.75
N ARG A 52 -8.16 5.61 2.81
CA ARG A 52 -7.26 5.52 1.64
C ARG A 52 -5.78 5.36 2.00
N GLY A 53 -5.17 4.29 1.51
CA GLY A 53 -3.79 4.01 1.81
C GLY A 53 -3.61 3.09 3.00
N ASP A 54 -4.69 2.74 3.70
CA ASP A 54 -4.62 1.76 4.80
C ASP A 54 -4.04 0.44 4.31
N THR A 55 -3.26 -0.25 5.15
CA THR A 55 -2.85 -1.60 4.82
C THR A 55 -4.00 -2.55 5.13
N VAL A 56 -4.25 -3.51 4.24
CA VAL A 56 -5.31 -4.48 4.47
C VAL A 56 -4.78 -5.90 4.33
N LEU A 57 -5.49 -6.83 4.96
CA LEU A 57 -5.15 -8.25 4.85
C LEU A 57 -6.23 -8.93 4.03
N LEU A 58 -5.82 -9.60 2.96
CA LEU A 58 -6.75 -10.31 2.09
C LEU A 58 -6.61 -11.82 2.31
N LYS A 59 -7.73 -12.53 2.34
CA LYS A 59 -7.69 -13.98 2.43
C LYS A 59 -8.29 -14.60 1.18
N GLY A 60 -7.62 -15.62 0.66
CA GLY A 60 -8.04 -16.26 -0.58
C GLY A 60 -8.26 -17.73 -0.37
N LYS A 61 -8.06 -18.51 -1.44
CA LYS A 61 -8.19 -19.97 -1.37
C LYS A 61 -7.02 -20.62 -0.64
N LYS A 62 -7.26 -21.83 -0.14
CA LYS A 62 -6.17 -22.67 0.34
C LYS A 62 -5.37 -21.93 1.41
N ARG A 63 -6.10 -21.16 2.22
CA ARG A 63 -5.55 -20.33 3.29
C ARG A 63 -4.37 -19.44 2.88
N ARG A 64 -4.35 -19.04 1.61
CA ARG A 64 -3.40 -18.03 1.16
C ARG A 64 -3.82 -16.66 1.70
N GLU A 65 -2.84 -15.82 2.00
CA GLU A 65 -3.11 -14.45 2.45
C GLU A 65 -2.23 -13.48 1.67
N ALA A 66 -2.64 -12.21 1.65
CA ALA A 66 -1.82 -11.16 1.05
C ALA A 66 -2.07 -9.86 1.78
N VAL A 67 -1.08 -8.99 1.82
CA VAL A 67 -1.29 -7.67 2.39
CA VAL A 67 -1.29 -7.65 2.38
C VAL A 67 -1.18 -6.63 1.27
N CYS A 68 -2.12 -5.72 1.23
CA CYS A 68 -2.13 -4.72 0.20
C CYS A 68 -2.48 -3.38 0.81
N ILE A 69 -2.39 -2.36 0.00
CA ILE A 69 -2.86 -1.03 0.34
CA ILE A 69 -2.90 -1.07 0.40
C ILE A 69 -4.19 -0.84 -0.39
N VAL A 70 -5.18 -0.27 0.29
CA VAL A 70 -6.49 -0.10 -0.31
C VAL A 70 -6.70 1.34 -0.80
N LEU A 71 -7.15 1.47 -2.05
CA LEU A 71 -7.51 2.78 -2.61
C LEU A 71 -8.95 2.72 -3.07
N SER A 72 -9.63 3.87 -3.09
CA SER A 72 -10.98 3.93 -3.64
C SER A 72 -10.91 3.99 -5.16
N ASP A 73 -11.94 3.44 -5.80
CA ASP A 73 -12.09 3.51 -7.25
C ASP A 73 -13.54 3.82 -7.60
N ASP A 74 -13.76 4.89 -8.35
CA ASP A 74 -15.12 5.31 -8.69
C ASP A 74 -15.81 4.44 -9.77
N THR A 75 -15.06 3.52 -10.38
CA THR A 75 -15.67 2.60 -11.36
C THR A 75 -15.92 1.20 -10.78
N CYS A 76 -15.47 0.98 -9.55
CA CYS A 76 -15.62 -0.32 -8.90
C CYS A 76 -17.04 -0.48 -8.36
N SER A 77 -17.66 -1.64 -8.62
CA SER A 77 -18.98 -1.92 -8.04
C SER A 77 -18.82 -2.15 -6.53
N ASP A 78 -19.85 -1.83 -5.77
CA ASP A 78 -19.73 -1.90 -4.32
C ASP A 78 -19.30 -3.30 -3.85
N GLU A 79 -19.80 -4.34 -4.51
CA GLU A 79 -19.51 -5.70 -4.07
C GLU A 79 -18.19 -6.30 -4.59
N LYS A 80 -17.42 -5.52 -5.35
CA LYS A 80 -16.24 -6.07 -6.01
C LYS A 80 -14.94 -5.47 -5.49
N ILE A 81 -13.85 -6.21 -5.71
CA ILE A 81 -12.53 -5.70 -5.40
C ILE A 81 -11.64 -5.85 -6.65
N ARG A 82 -10.99 -4.76 -7.05
CA ARG A 82 -10.08 -4.81 -8.19
C ARG A 82 -8.70 -5.22 -7.70
N MET A 83 -8.09 -6.19 -8.36
CA MET A 83 -6.71 -6.58 -8.01
C MET A 83 -5.98 -7.11 -9.21
N ASN A 84 -4.68 -6.92 -9.24
CA ASN A 84 -3.90 -7.31 -10.40
C ASN A 84 -3.56 -8.79 -10.37
N ARG A 85 -2.94 -9.28 -11.44
CA ARG A 85 -2.65 -10.70 -11.64
C ARG A 85 -1.75 -11.26 -10.54
N VAL A 86 -0.80 -10.44 -10.08
CA VAL A 86 0.16 -10.90 -9.07
C VAL A 86 -0.55 -11.22 -7.76
N VAL A 87 -1.46 -10.35 -7.35
CA VAL A 87 -2.20 -10.55 -6.12
C VAL A 87 -3.16 -11.72 -6.27
N ARG A 88 -3.87 -11.77 -7.39
CA ARG A 88 -4.71 -12.94 -7.68
C ARG A 88 -3.93 -14.24 -7.56
N ASN A 89 -2.73 -14.25 -8.14
CA ASN A 89 -1.92 -15.45 -8.13
C ASN A 89 -1.49 -15.84 -6.71
N ASN A 90 -1.05 -14.87 -5.92
CA ASN A 90 -0.71 -15.10 -4.52
C ASN A 90 -1.91 -15.61 -3.70
N LEU A 91 -3.11 -15.18 -4.08
CA LEU A 91 -4.32 -15.62 -3.39
C LEU A 91 -4.93 -16.89 -3.97
N ARG A 92 -4.42 -17.33 -5.12
CA ARG A 92 -4.94 -18.52 -5.80
C ARG A 92 -6.38 -18.31 -6.23
N VAL A 93 -6.75 -17.07 -6.58
CA VAL A 93 -8.11 -16.81 -7.04
C VAL A 93 -8.18 -16.44 -8.53
N ARG A 94 -9.38 -16.51 -9.07
CA ARG A 94 -9.64 -16.10 -10.43
C ARG A 94 -10.66 -14.97 -10.37
N LEU A 95 -10.77 -14.19 -11.44
CA LEU A 95 -11.83 -13.20 -11.54
C LEU A 95 -13.17 -13.84 -11.24
N GLY A 96 -13.97 -13.19 -10.40
CA GLY A 96 -15.30 -13.68 -10.07
C GLY A 96 -15.32 -14.53 -8.81
N ASP A 97 -14.14 -14.86 -8.28
CA ASP A 97 -14.03 -15.59 -7.02
C ASP A 97 -14.26 -14.64 -5.85
N VAL A 98 -14.47 -15.21 -4.67
CA VAL A 98 -14.72 -14.41 -3.46
C VAL A 98 -13.46 -14.34 -2.60
N ILE A 99 -13.11 -13.14 -2.14
CA ILE A 99 -12.06 -13.03 -1.12
C ILE A 99 -12.62 -12.31 0.11
N SER A 100 -11.88 -12.33 1.22
CA SER A 100 -12.27 -11.48 2.34
C SER A 100 -11.19 -10.41 2.52
N ILE A 101 -11.62 -9.23 2.95
CA ILE A 101 -10.72 -8.11 3.21
C ILE A 101 -10.93 -7.65 4.66
N GLN A 102 -9.84 -7.33 5.35
CA GLN A 102 -9.97 -6.80 6.70
C GLN A 102 -8.84 -5.80 6.96
N PRO A 103 -9.10 -4.83 7.83
CA PRO A 103 -8.06 -3.88 8.23
C PRO A 103 -6.85 -4.61 8.80
N CYS A 104 -5.66 -4.08 8.53
CA CYS A 104 -4.45 -4.67 9.06
C CYS A 104 -3.53 -3.60 9.64
N PRO A 105 -3.95 -2.99 10.76
CA PRO A 105 -3.14 -1.95 11.41
C PRO A 105 -1.92 -2.56 12.10
N ASP A 106 -1.83 -3.88 12.07
CA ASP A 106 -0.75 -4.62 12.70
C ASP A 106 0.60 -4.48 11.99
N VAL A 107 0.60 -3.86 10.81
CA VAL A 107 1.79 -3.84 9.95
C VAL A 107 2.78 -2.75 10.35
N LYS A 108 4.02 -3.17 10.60
CA LYS A 108 5.07 -2.26 11.06
C LYS A 108 6.12 -2.06 9.97
N TYR A 109 6.88 -0.97 10.07
CA TYR A 109 8.03 -0.82 9.20
C TYR A 109 8.97 -1.99 9.47
N GLY A 110 9.41 -2.70 8.43
CA GLY A 110 10.21 -3.89 8.66
C GLY A 110 11.64 -3.55 9.04
N LYS A 111 12.28 -4.44 9.80
CA LYS A 111 13.70 -4.30 10.11
C LYS A 111 14.52 -4.93 8.98
N ARG A 112 14.08 -6.09 8.50
CA ARG A 112 14.71 -6.68 7.34
C ARG A 112 13.82 -7.68 6.63
N ILE A 113 14.04 -7.84 5.33
CA ILE A 113 13.34 -8.85 4.57
C ILE A 113 14.37 -9.65 3.82
N HIS A 114 14.02 -10.89 3.52
CA HIS A 114 14.86 -11.79 2.74
C HIS A 114 14.07 -12.21 1.50
N VAL A 115 14.58 -11.87 0.32
CA VAL A 115 13.90 -12.24 -0.91
C VAL A 115 14.89 -12.98 -1.85
N LEU A 116 14.36 -13.63 -2.86
CA LEU A 116 15.23 -14.25 -3.87
C LEU A 116 14.50 -14.35 -5.19
N PRO A 117 15.25 -14.30 -6.28
CA PRO A 117 14.65 -14.50 -7.60
C PRO A 117 14.21 -15.96 -7.70
N ILE A 118 13.00 -16.22 -8.16
CA ILE A 118 12.63 -17.63 -8.27
C ILE A 118 13.28 -18.31 -9.50
N ASP A 119 13.68 -17.51 -10.48
CA ASP A 119 14.42 -18.02 -11.65
C ASP A 119 15.93 -17.99 -11.39
N ASP A 120 16.55 -19.17 -11.37
CA ASP A 120 17.99 -19.28 -11.07
C ASP A 120 18.91 -18.72 -12.16
N THR A 121 18.35 -18.39 -13.31
CA THR A 121 19.16 -18.00 -14.45
C THR A 121 19.24 -16.49 -14.67
N VAL A 122 18.31 -15.73 -14.09
CA VAL A 122 18.16 -14.32 -14.43
C VAL A 122 19.34 -13.43 -14.06
N GLU A 123 19.91 -13.65 -12.88
CA GLU A 123 20.97 -12.77 -12.40
C GLU A 123 22.12 -12.72 -13.40
N GLY A 124 22.44 -13.88 -13.97
CA GLY A 124 23.50 -13.96 -14.96
C GLY A 124 23.21 -13.19 -16.23
N ILE A 125 21.93 -13.04 -16.57
CA ILE A 125 21.52 -12.48 -17.87
C ILE A 125 21.19 -10.98 -17.86
N THR A 126 21.02 -10.39 -16.68
CA THR A 126 20.56 -9.01 -16.59
C THR A 126 21.48 -8.10 -15.77
N GLY A 127 21.02 -6.88 -15.54
CA GLY A 127 21.76 -5.92 -14.74
C GLY A 127 21.55 -6.14 -13.25
N ASN A 128 22.37 -5.48 -12.44
CA ASN A 128 22.30 -5.61 -10.99
C ASN A 128 20.86 -5.64 -10.46
N LEU A 129 20.48 -6.72 -9.80
CA LEU A 129 19.08 -6.91 -9.39
C LEU A 129 18.63 -5.88 -8.35
N PHE A 130 19.51 -5.50 -7.44
CA PHE A 130 19.11 -4.52 -6.44
C PHE A 130 18.90 -3.16 -7.11
N GLU A 131 19.85 -2.76 -7.95
CA GLU A 131 19.82 -1.41 -8.52
C GLU A 131 18.81 -1.28 -9.63
N VAL A 132 18.65 -2.34 -10.41
CA VAL A 132 17.77 -2.30 -11.57
C VAL A 132 16.32 -2.70 -11.25
N TYR A 133 16.14 -3.56 -10.24
CA TYR A 133 14.81 -4.05 -9.90
C TYR A 133 14.30 -3.66 -8.51
N LEU A 134 14.93 -4.18 -7.47
CA LEU A 134 14.41 -4.05 -6.09
C LEU A 134 14.37 -2.63 -5.57
N LYS A 135 15.47 -1.89 -5.74
CA LYS A 135 15.51 -0.53 -5.24
C LYS A 135 14.42 0.33 -5.88
N PRO A 136 14.36 0.39 -7.24
CA PRO A 136 13.32 1.17 -7.89
C PRO A 136 11.90 0.72 -7.48
N TYR A 137 11.74 -0.58 -7.22
CA TYR A 137 10.43 -1.13 -6.86
C TYR A 137 9.97 -0.64 -5.50
N PHE A 138 10.86 -0.74 -4.51
CA PHE A 138 10.50 -0.42 -3.13
C PHE A 138 10.71 1.05 -2.75
N LEU A 139 11.65 1.72 -3.42
CA LEU A 139 12.06 3.07 -3.02
C LEU A 139 10.90 4.06 -2.95
N GLU A 140 10.69 4.62 -1.76
CA GLU A 140 9.68 5.63 -1.53
C GLU A 140 8.27 5.12 -1.83
N ALA A 141 8.11 3.80 -1.89
CA ALA A 141 6.80 3.21 -2.18
C ALA A 141 6.07 2.66 -0.95
N TYR A 142 6.80 2.41 0.13
CA TYR A 142 6.18 1.91 1.37
C TYR A 142 5.21 0.74 1.13
N ARG A 143 5.67 -0.24 0.38
CA ARG A 143 4.88 -1.41 0.09
C ARG A 143 4.86 -2.37 1.26
N PRO A 144 3.66 -2.90 1.57
CA PRO A 144 3.53 -4.02 2.51
C PRO A 144 3.88 -5.32 1.78
N ILE A 145 4.55 -6.24 2.45
CA ILE A 145 4.84 -7.54 1.85
C ILE A 145 4.65 -8.61 2.89
N ARG A 146 4.39 -9.83 2.43
CA ARG A 146 4.16 -10.93 3.33
C ARG A 146 5.05 -12.10 2.95
N LYS A 147 5.59 -12.77 3.96
CA LYS A 147 6.31 -14.02 3.78
C LYS A 147 5.52 -14.94 2.84
N GLY A 148 6.19 -15.48 1.84
CA GLY A 148 5.52 -16.37 0.90
C GLY A 148 5.06 -15.71 -0.39
N ASP A 149 4.97 -14.38 -0.39
CA ASP A 149 4.57 -13.66 -1.59
C ASP A 149 5.52 -14.00 -2.73
N ILE A 150 4.97 -14.13 -3.93
CA ILE A 150 5.77 -14.03 -5.15
C ILE A 150 5.34 -12.74 -5.81
N PHE A 151 6.31 -11.85 -6.06
CA PHE A 151 6.00 -10.58 -6.68
C PHE A 151 6.85 -10.34 -7.94
N LEU A 152 6.27 -9.64 -8.91
CA LEU A 152 6.87 -9.47 -10.22
C LEU A 152 7.33 -8.04 -10.36
N VAL A 153 8.61 -7.86 -10.69
CA VAL A 153 9.18 -6.52 -10.82
C VAL A 153 9.59 -6.25 -12.27
N ARG A 154 9.02 -5.20 -12.84
CA ARG A 154 9.36 -4.80 -14.21
C ARG A 154 10.46 -3.75 -14.22
N GLY A 155 11.72 -4.19 -14.35
CA GLY A 155 12.83 -3.26 -14.51
C GLY A 155 13.57 -3.59 -15.77
N GLY A 156 14.61 -2.82 -16.08
CA GLY A 156 15.44 -3.13 -17.23
C GLY A 156 14.60 -3.52 -18.43
N MET A 157 14.96 -4.62 -19.08
CA MET A 157 14.25 -5.00 -20.29
C MET A 157 13.49 -6.33 -20.17
N ARG A 158 13.26 -6.76 -18.94
CA ARG A 158 12.51 -7.99 -18.69
C ARG A 158 12.15 -8.06 -17.22
N ALA A 159 10.97 -8.59 -16.94
CA ALA A 159 10.48 -8.71 -15.57
C ALA A 159 11.17 -9.87 -14.86
N VAL A 160 11.35 -9.70 -13.55
CA VAL A 160 11.93 -10.73 -12.70
C VAL A 160 10.99 -10.98 -11.53
N GLU A 161 10.66 -12.25 -11.27
CA GLU A 161 9.82 -12.60 -10.13
C GLU A 161 10.66 -12.93 -8.93
N PHE A 162 10.25 -12.38 -7.79
CA PHE A 162 10.94 -12.60 -6.53
C PHE A 162 10.00 -13.27 -5.53
N LYS A 163 10.56 -14.14 -4.71
CA LYS A 163 9.81 -14.73 -3.60
C LYS A 163 10.28 -14.10 -2.29
N VAL A 164 9.33 -13.83 -1.40
CA VAL A 164 9.65 -13.37 -0.05
C VAL A 164 9.87 -14.59 0.84
N VAL A 165 11.12 -14.77 1.27
CA VAL A 165 11.50 -15.90 2.10
C VAL A 165 11.09 -15.66 3.54
N GLU A 166 11.27 -14.43 4.02
CA GLU A 166 11.04 -14.11 5.41
C GLU A 166 11.06 -12.61 5.64
N THR A 167 10.36 -12.17 6.66
CA THR A 167 10.31 -10.77 7.05
C THR A 167 10.55 -10.67 8.56
N ASP A 168 11.00 -9.51 9.00
CA ASP A 168 11.19 -9.24 10.41
C ASP A 168 10.70 -7.80 10.63
N PRO A 169 9.56 -7.63 11.32
CA PRO A 169 8.71 -8.63 11.99
C PRO A 169 8.05 -9.62 11.02
N SER A 170 7.68 -10.78 11.54
CA SER A 170 7.06 -11.82 10.73
C SER A 170 5.56 -11.86 11.03
N PRO A 171 4.72 -12.21 10.03
CA PRO A 171 5.05 -12.59 8.65
C PRO A 171 4.85 -11.47 7.62
N TYR A 172 4.61 -10.25 8.06
CA TYR A 172 4.46 -9.15 7.11
C TYR A 172 5.05 -7.86 7.67
N CYS A 173 5.37 -6.94 6.77
CA CYS A 173 5.93 -5.66 7.18
C CYS A 173 5.81 -4.69 6.02
N ILE A 174 6.11 -3.44 6.30
CA ILE A 174 6.23 -2.44 5.24
C ILE A 174 7.72 -2.26 4.96
N VAL A 175 8.09 -2.24 3.69
CA VAL A 175 9.47 -1.98 3.32
C VAL A 175 9.76 -0.48 3.35
N ALA A 176 10.47 -0.07 4.40
CA ALA A 176 10.76 1.34 4.67
C ALA A 176 12.19 1.63 4.21
N PRO A 177 12.59 2.91 4.19
CA PRO A 177 13.92 3.33 3.70
C PRO A 177 15.09 2.70 4.46
N ASP A 178 14.90 2.40 5.74
CA ASP A 178 15.95 1.76 6.54
C ASP A 178 15.73 0.26 6.70
N THR A 179 14.80 -0.31 5.92
CA THR A 179 14.61 -1.75 5.94
C THR A 179 15.76 -2.44 5.24
N VAL A 180 16.43 -3.36 5.92
CA VAL A 180 17.53 -4.08 5.33
C VAL A 180 17.00 -5.14 4.37
N ILE A 181 17.47 -5.08 3.12
CA ILE A 181 16.99 -6.00 2.08
C ILE A 181 18.07 -7.00 1.73
N HIS A 182 17.83 -8.26 2.10
CA HIS A 182 18.75 -9.35 1.85
C HIS A 182 18.24 -10.20 0.67
N CYS A 183 19.05 -10.30 -0.39
CA CYS A 183 18.67 -11.06 -1.57
C CYS A 183 19.68 -12.17 -1.83
N GLU A 184 19.36 -13.37 -1.34
CA GLU A 184 20.24 -14.54 -1.46
C GLU A 184 19.52 -15.79 -0.94
N GLY A 185 19.20 -16.72 -1.84
CA GLY A 185 19.56 -16.62 -3.23
C GLY A 185 19.68 -18.00 -3.86
N ALA B 5 -21.65 19.51 4.84
CA ALA B 5 -20.26 19.61 5.24
C ALA B 5 -19.41 20.26 4.14
N GLU B 6 -18.53 21.17 4.55
CA GLU B 6 -17.63 21.86 3.62
C GLU B 6 -16.34 21.04 3.50
N PRO B 7 -15.92 20.74 2.26
CA PRO B 7 -14.87 19.75 1.96
C PRO B 7 -13.72 19.73 2.96
N VAL B 8 -13.48 18.56 3.55
CA VAL B 8 -12.35 18.41 4.46
C VAL B 8 -11.38 17.33 3.96
N SER B 9 -10.09 17.55 4.22
CA SER B 9 -9.10 16.54 3.93
C SER B 9 -8.58 15.97 5.24
N LYS B 10 -8.77 14.67 5.41
CA LYS B 10 -8.19 13.97 6.53
C LYS B 10 -6.85 13.40 6.07
N LEU B 11 -5.78 13.74 6.78
CA LEU B 11 -4.46 13.23 6.42
C LEU B 11 -3.92 12.41 7.58
N ARG B 12 -3.44 11.21 7.24
CA ARG B 12 -2.70 10.38 8.19
C ARG B 12 -1.27 10.31 7.68
N ILE B 13 -0.34 10.65 8.55
CA ILE B 13 1.05 10.83 8.17
C ILE B 13 1.93 9.92 9.01
N ARG B 14 2.60 8.98 8.35
CA ARG B 14 3.53 8.11 9.05
C ARG B 14 4.80 8.87 9.41
N THR B 15 5.24 8.70 10.66
CA THR B 15 6.50 9.30 11.09
C THR B 15 7.61 8.37 10.64
N PRO B 16 8.86 8.85 10.69
CA PRO B 16 10.00 8.00 10.32
C PRO B 16 10.05 6.68 11.07
N SER B 17 9.59 6.65 12.31
CA SER B 17 9.62 5.41 13.09
C SER B 17 8.46 4.48 12.74
N GLY B 18 7.51 4.98 11.96
CA GLY B 18 6.43 4.16 11.44
C GLY B 18 5.10 4.29 12.15
N GLU B 19 4.99 5.19 13.10
CA GLU B 19 3.70 5.42 13.75
C GLU B 19 3.03 6.61 13.07
N PHE B 20 1.93 7.09 13.61
CA PHE B 20 1.11 8.03 12.85
C PHE B 20 0.96 9.40 13.49
N LEU B 21 0.77 10.39 12.63
CA LEU B 21 0.16 11.65 12.97
C LEU B 21 -1.18 11.66 12.26
N GLU B 22 -2.16 12.37 12.81
CA GLU B 22 -3.46 12.49 12.15
C GLU B 22 -4.05 13.88 12.40
N ARG B 23 -4.65 14.45 11.36
CA ARG B 23 -5.27 15.75 11.47
C ARG B 23 -6.20 15.99 10.29
N ARG B 24 -7.33 16.63 10.57
CA ARG B 24 -8.28 17.03 9.54
C ARG B 24 -8.10 18.50 9.24
N PHE B 25 -7.97 18.81 7.96
CA PHE B 25 -7.79 20.17 7.50
C PHE B 25 -8.94 20.52 6.57
N LEU B 26 -9.35 21.78 6.57
CA LEU B 26 -10.25 22.24 5.54
C LEU B 26 -9.51 22.07 4.22
N ALA B 27 -10.20 21.58 3.20
CA ALA B 27 -9.57 21.30 1.90
C ALA B 27 -9.13 22.59 1.19
N SER B 28 -9.65 23.73 1.64
CA SER B 28 -9.27 25.00 1.06
C SER B 28 -8.04 25.57 1.77
N ASN B 29 -7.60 24.90 2.84
CA ASN B 29 -6.38 25.29 3.51
C ASN B 29 -5.22 25.29 2.54
N LYS B 30 -4.27 26.20 2.75
CA LYS B 30 -3.05 26.22 1.96
C LYS B 30 -2.18 25.04 2.39
N LEU B 31 -1.55 24.38 1.43
CA LEU B 31 -0.66 23.26 1.71
C LEU B 31 0.34 23.65 2.80
N GLN B 32 0.61 24.95 2.93
CA GLN B 32 1.50 25.47 3.97
C GLN B 32 1.03 25.06 5.36
N ILE B 33 -0.28 25.04 5.54
CA ILE B 33 -0.85 24.62 6.82
C ILE B 33 -0.46 23.18 7.17
N VAL B 34 -0.27 22.34 6.16
CA VAL B 34 0.18 20.97 6.45
C VAL B 34 1.66 20.92 6.80
N PHE B 35 2.47 21.71 6.09
CA PHE B 35 3.89 21.79 6.41
C PHE B 35 4.09 22.22 7.86
N ASP B 36 3.33 23.23 8.25
CA ASP B 36 3.40 23.80 9.59
C ASP B 36 3.05 22.77 10.66
N PHE B 37 2.08 21.91 10.35
CA PHE B 37 1.62 20.87 11.26
C PHE B 37 2.72 19.85 11.55
N VAL B 38 3.31 19.28 10.50
CA VAL B 38 4.39 18.31 10.69
C VAL B 38 5.61 18.96 11.36
N ALA B 39 5.91 20.21 10.98
CA ALA B 39 7.00 20.93 11.62
C ALA B 39 6.76 21.03 13.13
N SER B 40 5.53 21.39 13.52
CA SER B 40 5.19 21.52 14.93
C SER B 40 5.31 20.20 15.71
N LYS B 41 5.33 19.08 15.01
CA LYS B 41 5.46 17.78 15.64
C LYS B 41 6.91 17.33 15.70
N GLY B 42 7.79 18.07 15.06
CA GLY B 42 9.22 17.81 15.15
C GLY B 42 9.87 17.49 13.83
N PHE B 43 9.15 17.72 12.73
CA PHE B 43 9.65 17.34 11.42
C PHE B 43 9.66 18.54 10.47
N PRO B 44 10.65 19.42 10.65
CA PRO B 44 10.83 20.67 9.90
C PRO B 44 11.08 20.43 8.42
N TRP B 45 10.66 21.41 7.62
CA TRP B 45 10.73 21.35 6.17
CA TRP B 45 10.72 21.30 6.17
C TRP B 45 12.12 21.01 5.63
N ASP B 46 13.15 21.54 6.27
CA ASP B 46 14.50 21.38 5.75
C ASP B 46 15.13 20.04 6.11
N GLU B 47 14.44 19.27 6.94
CA GLU B 47 14.98 17.98 7.39
C GLU B 47 14.18 16.80 6.85
N TYR B 48 12.91 17.03 6.55
CA TYR B 48 12.01 15.94 6.16
C TYR B 48 11.17 16.24 4.93
N LYS B 49 11.09 15.27 4.02
CA LYS B 49 10.08 15.35 2.98
C LYS B 49 8.80 14.64 3.38
N LEU B 50 7.74 14.98 2.69
CA LEU B 50 6.43 14.44 2.90
C LEU B 50 6.00 13.78 1.58
N LEU B 51 5.87 12.46 1.59
CA LEU B 51 5.63 11.72 0.36
C LEU B 51 4.22 11.15 0.33
N SER B 52 3.64 11.11 -0.86
CA SER B 52 2.46 10.28 -1.09
C SER B 52 2.90 9.13 -1.97
N THR B 53 2.13 8.05 -2.01
N THR B 53 2.10 8.07 -1.99
CA THR B 53 2.55 6.84 -2.73
CA THR B 53 2.26 6.98 -2.94
C THR B 53 1.64 6.38 -3.89
C THR B 53 0.97 6.84 -3.74
N PHE B 54 0.48 7.02 -4.05
N PHE B 54 1.06 6.23 -4.92
CA PHE B 54 -0.36 6.73 -5.20
CA PHE B 54 -0.10 6.03 -5.81
C PHE B 54 -1.11 7.95 -5.76
C PHE B 54 -0.95 7.29 -5.95
N PRO B 55 -0.50 8.60 -6.77
N PRO B 55 -0.47 8.27 -6.73
CA PRO B 55 0.79 8.16 -7.29
CA PRO B 55 0.84 8.18 -7.38
C PRO B 55 1.94 8.55 -6.36
C PRO B 55 1.95 8.61 -6.44
N ARG B 56 3.12 7.98 -6.57
CA ARG B 56 4.30 8.39 -5.81
C ARG B 56 4.64 9.81 -6.20
N ARG B 57 4.58 10.72 -5.23
CA ARG B 57 5.01 12.10 -5.44
C ARG B 57 5.45 12.75 -4.13
N ASP B 58 6.29 13.76 -4.27
CA ASP B 58 6.87 14.48 -3.14
C ASP B 58 6.02 15.72 -2.86
N VAL B 59 5.19 15.63 -1.84
CA VAL B 59 4.24 16.69 -1.49
C VAL B 59 4.96 17.97 -1.09
N THR B 60 6.05 17.84 -0.33
CA THR B 60 6.83 19.00 0.07
C THR B 60 7.43 19.74 -1.13
N GLN B 61 7.33 19.13 -2.30
CA GLN B 61 7.88 19.71 -3.53
C GLN B 61 6.81 20.46 -4.29
N LEU B 62 5.68 20.72 -3.64
CA LEU B 62 4.56 21.41 -4.26
C LEU B 62 4.43 22.84 -3.74
N ASP B 63 3.67 23.65 -4.47
CA ASP B 63 3.47 25.05 -4.15
C ASP B 63 2.68 25.19 -2.85
N PRO B 64 3.34 25.71 -1.79
CA PRO B 64 2.76 25.82 -0.45
C PRO B 64 1.57 26.75 -0.37
N ASN B 65 1.31 27.51 -1.44
CA ASN B 65 0.21 28.46 -1.46
C ASN B 65 -1.05 27.88 -2.08
N LYS B 66 -0.89 26.78 -2.81
CA LYS B 66 -2.05 26.07 -3.36
C LYS B 66 -2.85 25.42 -2.24
N SER B 67 -4.14 25.22 -2.48
CA SER B 67 -4.99 24.57 -1.50
C SER B 67 -4.86 23.05 -1.60
N LEU B 68 -5.30 22.35 -0.55
CA LEU B 68 -5.29 20.89 -0.54
C LEU B 68 -6.13 20.35 -1.69
N LEU B 69 -7.26 21.02 -1.94
CA LEU B 69 -8.12 20.64 -3.05
C LEU B 69 -7.33 20.73 -4.35
N GLU B 70 -6.70 21.88 -4.58
CA GLU B 70 -5.93 22.13 -5.79
C GLU B 70 -4.86 21.06 -6.04
N VAL B 71 -4.17 20.67 -4.97
CA VAL B 71 -3.04 19.76 -5.10
C VAL B 71 -3.45 18.30 -5.01
N LYS B 72 -4.76 18.06 -4.98
CA LYS B 72 -5.31 16.70 -5.02
C LYS B 72 -5.15 15.90 -3.74
N LEU B 73 -5.09 16.58 -2.59
CA LEU B 73 -5.00 15.89 -1.31
C LEU B 73 -6.34 15.92 -0.58
N PHE B 74 -7.27 15.08 -1.02
CA PHE B 74 -8.65 15.20 -0.57
C PHE B 74 -9.47 14.05 -1.16
N PRO B 75 -10.40 13.48 -0.38
CA PRO B 75 -10.73 13.76 1.03
C PRO B 75 -9.89 12.96 2.03
N GLN B 76 -9.12 11.99 1.54
CA GLN B 76 -8.32 11.13 2.40
C GLN B 76 -6.97 10.87 1.75
N GLU B 77 -5.92 10.92 2.55
CA GLU B 77 -4.63 10.43 2.06
C GLU B 77 -3.70 10.01 3.19
N THR B 78 -2.93 8.96 2.93
CA THR B 78 -1.87 8.50 3.81
C THR B 78 -0.55 9.00 3.23
N LEU B 79 0.19 9.77 4.03
CA LEU B 79 1.47 10.36 3.60
C LEU B 79 2.60 9.81 4.46
N PHE B 80 3.83 10.08 4.06
CA PHE B 80 5.00 9.51 4.72
C PHE B 80 6.07 10.57 4.90
N LEU B 81 6.54 10.72 6.16
CA LEU B 81 7.67 11.60 6.43
C LEU B 81 8.96 10.82 6.25
N GLU B 82 9.89 11.40 5.51
CA GLU B 82 11.15 10.74 5.20
C GLU B 82 12.28 11.77 5.31
N ALA B 83 13.33 11.42 6.06
CA ALA B 83 14.47 12.33 6.24
C ALA B 83 15.04 12.70 4.91
N LYS B 84 15.37 13.97 4.74
CA LYS B 84 16.07 14.42 3.54
C LYS B 84 17.54 14.02 3.59
CL CL C . 16.97 -12.41 6.10
#